data_5EKN
#
_entry.id   5EKN
#
_cell.length_a   61.047
_cell.length_b   70.206
_cell.length_c   92.908
_cell.angle_alpha   90.00
_cell.angle_beta   90.00
_cell.angle_gamma   90.00
#
_symmetry.space_group_name_H-M   'P 21 21 21'
#
loop_
_entity.id
_entity.type
_entity.pdbx_description
1 polymer 'Mitogen-activated protein kinase 13'
2 non-polymer 1-(3-tert-butyl-1-methyl-1H-pyrazol-5-yl)-3-[4-(pyridin-4-ylsulfanyl)phenyl]urea
3 water water
#
_entity_poly.entity_id   1
_entity_poly.type   'polypeptide(L)'
_entity_poly.pdbx_seq_one_letter_code
;MGSSHHHHHHSSGLVPRGSMSLIRKKGFYKQDVNKTAWELPKTYVSPTHVGSGAYGSVCSAIDKRSGEKVAIKKLSRPFQ
SEIFAKRAYRELLLLKHMQHENVIGLLDVFTPASSLRNFYDFYLVMPFMQTDLQKIMGMEFSEEKIQYLVYQMLKGLKYI
HSAGVVHRDLKPGNLAVNEDCELKILDFGLARHADAEMTGYVVTRWYRAPEVILSWMHYNQTVDIWSVGCIMAEMLTGKT
LFKGKDYLDQLTQILKVTGVPGTEFVQKLNDKAAKSYIQSLPQTPRKDFTQLFPRASPQAADLLEKMLELDVDKRLTAAQ
ALTHPFFEPFRDPEEETEAQQPFDDSLEHEKLTVDEWKQHIYKEIVNFSPI
;
_entity_poly.pdbx_strand_id   A
#
# COMPACT_ATOMS: atom_id res chain seq x y z
N SER A 21 2.81 31.00 26.11
CA SER A 21 1.55 31.38 25.48
C SER A 21 1.80 32.11 24.16
N LEU A 22 1.96 31.34 23.08
CA LEU A 22 2.26 31.88 21.76
C LEU A 22 1.14 31.50 20.79
N ILE A 23 1.29 31.98 19.55
CA ILE A 23 0.41 31.57 18.46
C ILE A 23 0.89 30.28 17.82
N ARG A 24 2.20 30.06 17.80
CA ARG A 24 2.79 28.80 17.36
C ARG A 24 4.19 28.71 17.96
N LYS A 25 4.71 27.49 18.03
CA LYS A 25 6.01 27.26 18.65
C LYS A 25 7.09 28.06 17.92
N LYS A 26 8.01 28.63 18.70
CA LYS A 26 9.11 29.39 18.13
C LYS A 26 9.92 28.51 17.19
N GLY A 27 10.20 29.03 16.00
CA GLY A 27 10.86 28.29 14.95
C GLY A 27 9.95 27.89 13.82
N PHE A 28 8.70 28.31 13.83
CA PHE A 28 7.71 27.97 12.81
C PHE A 28 7.33 29.22 12.04
N TYR A 29 7.32 29.11 10.71
CA TYR A 29 6.90 30.20 9.86
C TYR A 29 5.64 29.83 9.10
N LYS A 30 4.89 30.85 8.71
CA LYS A 30 3.66 30.72 7.95
C LYS A 30 3.95 30.95 6.47
N GLN A 31 3.29 30.18 5.61
CA GLN A 31 3.51 30.31 4.17
C GLN A 31 2.39 29.63 3.42
N ASP A 32 1.80 30.34 2.45
CA ASP A 32 0.77 29.75 1.62
C ASP A 32 1.37 28.74 0.66
N VAL A 33 0.74 27.58 0.55
CA VAL A 33 1.18 26.50 -0.32
C VAL A 33 -0.04 25.99 -1.07
N ASN A 34 -0.10 26.24 -2.38
CA ASN A 34 -1.25 25.87 -3.20
C ASN A 34 -2.54 26.40 -2.59
N LYS A 35 -2.59 27.73 -2.43
CA LYS A 35 -3.80 28.45 -2.02
C LYS A 35 -4.22 28.14 -0.59
N THR A 36 -3.29 27.74 0.28
CA THR A 36 -3.65 27.47 1.67
C THR A 36 -2.41 27.62 2.56
N ALA A 37 -2.66 27.90 3.83
CA ALA A 37 -1.59 28.26 4.76
C ALA A 37 -0.93 27.02 5.35
N TRP A 38 0.38 27.14 5.59
CA TRP A 38 1.20 26.09 6.15
C TRP A 38 2.10 26.68 7.23
N GLU A 39 2.34 25.90 8.29
CA GLU A 39 3.17 26.32 9.42
C GLU A 39 4.30 25.31 9.60
N LEU A 40 5.53 25.71 9.26
CA LEU A 40 6.60 24.73 9.25
C LEU A 40 7.74 25.13 10.15
N PRO A 41 8.51 24.17 10.68
CA PRO A 41 9.72 24.51 11.42
C PRO A 41 10.75 25.19 10.51
N LYS A 42 11.76 25.79 11.13
CA LYS A 42 12.80 26.49 10.38
C LYS A 42 13.55 25.55 9.45
N THR A 43 13.82 24.32 9.90
CA THR A 43 14.75 23.45 9.18
C THR A 43 14.22 23.02 7.82
N TYR A 44 12.92 23.13 7.57
CA TYR A 44 12.33 22.76 6.29
C TYR A 44 12.06 24.03 5.49
N VAL A 45 12.59 24.06 4.26
CA VAL A 45 12.52 25.25 3.42
C VAL A 45 12.05 24.85 2.03
N SER A 46 11.74 25.86 1.23
CA SER A 46 11.29 25.70 -0.15
C SER A 46 10.09 24.75 -0.28
N PRO A 47 8.96 25.09 0.34
CA PRO A 47 7.77 24.26 0.16
C PRO A 47 7.20 24.40 -1.24
N THR A 48 6.88 23.26 -1.85
CA THR A 48 6.34 23.22 -3.20
C THR A 48 5.20 22.23 -3.26
N HIS A 49 4.04 22.68 -3.73
CA HIS A 49 2.86 21.83 -3.79
C HIS A 49 3.13 20.58 -4.63
N VAL A 50 2.76 19.42 -4.08
CA VAL A 50 2.89 18.15 -4.78
C VAL A 50 1.52 17.57 -5.11
N GLY A 51 0.60 17.55 -4.14
CA GLY A 51 -0.72 17.06 -4.44
C GLY A 51 -1.72 17.29 -3.33
N SER A 52 -3.00 17.29 -3.71
CA SER A 52 -4.11 17.31 -2.78
C SER A 52 -4.74 15.92 -2.69
N GLY A 53 -5.27 15.60 -1.51
CA GLY A 53 -5.79 14.28 -1.28
C GLY A 53 -7.07 14.23 -0.49
N ALA A 54 -7.51 13.02 -0.13
CA ALA A 54 -8.78 12.85 0.57
C ALA A 54 -8.71 13.38 2.00
N TYR A 55 -7.60 13.15 2.70
CA TYR A 55 -7.50 13.49 4.11
C TYR A 55 -6.33 14.41 4.42
N GLY A 56 -5.73 15.03 3.43
CA GLY A 56 -4.64 15.97 3.67
C GLY A 56 -4.06 16.44 2.36
N SER A 57 -2.98 17.20 2.48
CA SER A 57 -2.25 17.70 1.31
C SER A 57 -0.76 17.43 1.50
N VAL A 58 -0.03 17.41 0.39
CA VAL A 58 1.38 17.03 0.39
C VAL A 58 2.18 18.03 -0.41
N CYS A 59 3.29 18.50 0.18
CA CYS A 59 4.24 19.36 -0.49
C CYS A 59 5.63 18.74 -0.39
N SER A 60 6.55 19.27 -1.18
CA SER A 60 7.96 18.91 -1.11
C SER A 60 8.72 19.97 -0.32
N ALA A 61 9.83 19.57 0.26
CA ALA A 61 10.65 20.48 1.05
C ALA A 61 12.09 20.06 0.96
N ILE A 62 12.97 20.90 1.49
CA ILE A 62 14.41 20.63 1.55
C ILE A 62 14.83 20.78 3.00
N ASP A 63 15.28 19.67 3.60
CA ASP A 63 15.86 19.72 4.94
C ASP A 63 17.19 20.43 4.87
N LYS A 64 17.25 21.69 5.34
CA LYS A 64 18.49 22.45 5.25
C LYS A 64 19.62 21.84 6.07
N ARG A 65 19.33 20.93 7.00
CA ARG A 65 20.36 20.18 7.72
C ARG A 65 21.11 19.27 6.75
N SER A 66 20.50 18.13 6.41
CA SER A 66 21.16 17.16 5.54
C SER A 66 21.24 17.65 4.09
N GLY A 67 20.24 18.38 3.63
CA GLY A 67 20.15 18.76 2.24
C GLY A 67 19.24 17.89 1.40
N GLU A 68 18.63 16.86 1.99
CA GLU A 68 17.76 15.96 1.25
C GLU A 68 16.41 16.62 0.95
N LYS A 69 15.78 16.17 -0.12
CA LYS A 69 14.42 16.59 -0.45
C LYS A 69 13.45 15.65 0.23
N VAL A 70 12.60 16.20 1.09
CA VAL A 70 11.63 15.41 1.84
C VAL A 70 10.23 15.75 1.35
N ALA A 71 9.26 14.96 1.80
CA ALA A 71 7.86 15.19 1.50
C ALA A 71 7.12 15.39 2.80
N ILE A 72 6.31 16.44 2.87
CA ILE A 72 5.56 16.78 4.07
C ILE A 72 4.06 16.71 3.77
N LYS A 73 3.33 16.02 4.63
CA LYS A 73 1.87 15.91 4.52
C LYS A 73 1.23 16.64 5.67
N LYS A 74 0.46 17.68 5.36
CA LYS A 74 -0.41 18.35 6.31
C LYS A 74 -1.75 17.61 6.37
N LEU A 75 -2.12 17.15 7.57
CA LEU A 75 -3.42 16.52 7.76
C LEU A 75 -4.49 17.59 7.82
N SER A 76 -5.56 17.40 7.06
CA SER A 76 -6.62 18.40 6.94
C SER A 76 -7.72 18.07 7.94
N ARG A 77 -7.81 18.89 8.99
CA ARG A 77 -8.83 18.75 10.02
C ARG A 77 -8.91 17.32 10.57
N PRO A 78 -7.82 16.80 11.15
CA PRO A 78 -7.87 15.42 11.66
C PRO A 78 -8.78 15.25 12.85
N PHE A 79 -9.17 16.34 13.51
CA PHE A 79 -9.98 16.28 14.73
C PHE A 79 -11.42 16.71 14.46
N GLN A 80 -11.87 16.57 13.22
CA GLN A 80 -13.24 16.88 12.85
C GLN A 80 -14.21 15.78 13.23
N SER A 81 -13.72 14.56 13.46
CA SER A 81 -14.56 13.40 13.69
C SER A 81 -13.74 12.31 14.34
N GLU A 82 -14.42 11.47 15.13
CA GLU A 82 -13.76 10.33 15.74
C GLU A 82 -13.10 9.44 14.69
N ILE A 83 -13.78 9.25 13.55
CA ILE A 83 -13.24 8.42 12.48
C ILE A 83 -11.96 9.04 11.93
N PHE A 84 -11.93 10.37 11.80
CA PHE A 84 -10.75 11.02 11.21
C PHE A 84 -9.58 11.02 12.18
N ALA A 85 -9.82 11.30 13.46
CA ALA A 85 -8.74 11.27 14.43
C ALA A 85 -8.19 9.86 14.59
N LYS A 86 -9.07 8.86 14.62
CA LYS A 86 -8.61 7.47 14.65
C LYS A 86 -7.80 7.14 13.40
N ARG A 87 -8.23 7.65 12.25
CA ARG A 87 -7.51 7.44 11.00
C ARG A 87 -6.09 8.00 11.07
N ALA A 88 -5.97 9.30 11.38
CA ALA A 88 -4.66 9.95 11.42
C ALA A 88 -3.77 9.34 12.49
N TYR A 89 -4.34 9.04 13.66
CA TYR A 89 -3.59 8.33 14.71
C TYR A 89 -3.02 7.03 14.18
N ARG A 90 -3.85 6.24 13.49
CA ARG A 90 -3.38 4.96 12.98
C ARG A 90 -2.27 5.16 11.94
N GLU A 91 -2.41 6.15 11.06
CA GLU A 91 -1.38 6.38 10.05
C GLU A 91 -0.05 6.77 10.69
N LEU A 92 -0.11 7.63 11.71
CA LEU A 92 1.12 7.98 12.42
C LEU A 92 1.75 6.76 13.08
N LEU A 93 0.93 5.90 13.70
CA LEU A 93 1.45 4.70 14.34
C LEU A 93 2.11 3.77 13.32
N LEU A 94 1.44 3.52 12.20
CA LEU A 94 1.97 2.65 11.16
C LEU A 94 3.29 3.20 10.63
N LEU A 95 3.29 4.47 10.21
CA LEU A 95 4.52 5.06 9.70
C LEU A 95 5.63 5.02 10.74
N LYS A 96 5.28 5.04 12.03
CA LYS A 96 6.30 5.00 13.07
C LYS A 96 6.82 3.59 13.31
N HIS A 97 6.01 2.56 13.02
CA HIS A 97 6.40 1.19 13.31
C HIS A 97 7.23 0.54 12.20
N MET A 98 7.00 0.91 10.95
CA MET A 98 7.64 0.23 9.82
C MET A 98 9.04 0.77 9.60
N GLN A 99 10.03 -0.14 9.63
CA GLN A 99 11.45 0.20 9.43
C GLN A 99 11.99 -0.74 8.36
N HIS A 100 11.69 -0.44 7.09
CA HIS A 100 12.08 -1.29 5.99
C HIS A 100 12.33 -0.43 4.76
N GLU A 101 13.33 -0.82 3.97
CA GLU A 101 13.75 0.01 2.85
C GLU A 101 12.67 0.16 1.80
N ASN A 102 11.78 -0.84 1.68
CA ASN A 102 10.74 -0.82 0.66
C ASN A 102 9.36 -0.47 1.23
N VAL A 103 9.31 0.11 2.43
CA VAL A 103 8.07 0.60 3.02
C VAL A 103 8.30 2.04 3.44
N ILE A 104 7.38 2.93 3.04
CA ILE A 104 7.53 4.34 3.39
C ILE A 104 7.59 4.47 4.91
N GLY A 105 8.51 5.31 5.39
CA GLY A 105 8.74 5.46 6.81
C GLY A 105 8.69 6.91 7.26
N LEU A 106 8.85 7.10 8.56
CA LEU A 106 8.78 8.42 9.18
C LEU A 106 10.17 8.98 9.39
N LEU A 107 10.34 10.26 9.05
CA LEU A 107 11.54 11.01 9.38
C LEU A 107 11.31 11.99 10.52
N ASP A 108 10.16 12.65 10.54
CA ASP A 108 9.81 13.59 11.59
C ASP A 108 8.30 13.74 11.61
N VAL A 109 7.76 14.06 12.78
CA VAL A 109 6.36 14.44 12.92
C VAL A 109 6.30 15.62 13.88
N PHE A 110 5.56 16.65 13.49
CA PHE A 110 5.51 17.87 14.28
C PHE A 110 4.14 18.50 14.14
N THR A 111 3.82 19.38 15.08
CA THR A 111 2.64 20.21 15.03
C THR A 111 3.03 21.63 15.40
N PRO A 112 2.49 22.64 14.71
CA PRO A 112 2.76 24.03 15.10
C PRO A 112 2.11 24.41 16.42
N ALA A 113 1.26 23.56 16.97
CA ALA A 113 0.53 23.86 18.20
C ALA A 113 1.47 23.94 19.39
N SER A 114 1.02 24.68 20.41
CA SER A 114 1.74 24.84 21.66
C SER A 114 1.05 24.18 22.84
N SER A 115 -0.27 24.07 22.82
CA SER A 115 -1.01 23.33 23.84
C SER A 115 -2.05 22.45 23.13
N LEU A 116 -3.08 22.04 23.85
CA LEU A 116 -4.14 21.22 23.28
C LEU A 116 -5.26 22.04 22.66
N ARG A 117 -5.35 23.34 22.95
CA ARG A 117 -6.38 24.16 22.31
C ARG A 117 -5.94 24.65 20.94
N ASN A 118 -4.66 24.93 20.75
CA ASN A 118 -4.16 25.28 19.42
C ASN A 118 -3.98 24.04 18.53
N PHE A 119 -3.96 22.85 19.12
CA PHE A 119 -3.80 21.60 18.38
C PHE A 119 -4.93 21.40 17.38
N TYR A 120 -4.68 21.76 16.13
CA TYR A 120 -5.66 21.59 15.06
C TYR A 120 -5.25 20.54 14.04
N ASP A 121 -3.95 20.34 13.83
CA ASP A 121 -3.45 19.38 12.85
C ASP A 121 -1.97 19.11 13.16
N PHE A 122 -1.39 18.21 12.38
CA PHE A 122 0.02 17.90 12.51
C PHE A 122 0.53 17.52 11.13
N TYR A 123 1.86 17.44 11.01
CA TYR A 123 2.50 17.21 9.72
C TYR A 123 3.36 15.96 9.82
N LEU A 124 3.45 15.23 8.70
CA LEU A 124 4.28 14.04 8.60
C LEU A 124 5.40 14.27 7.60
N VAL A 125 6.61 13.88 7.98
CA VAL A 125 7.79 14.04 7.13
C VAL A 125 8.23 12.66 6.67
N MET A 126 8.47 12.51 5.38
CA MET A 126 8.77 11.23 4.76
C MET A 126 9.84 11.44 3.69
N PRO A 127 10.55 10.37 3.31
CA PRO A 127 11.43 10.48 2.14
C PRO A 127 10.64 10.80 0.88
N PHE A 128 11.17 11.70 0.07
CA PHE A 128 10.48 12.10 -1.14
C PHE A 128 10.66 11.08 -2.25
N MET A 129 9.56 10.75 -2.93
CA MET A 129 9.56 9.83 -4.05
C MET A 129 9.10 10.57 -5.29
N GLN A 130 9.87 10.46 -6.37
CA GLN A 130 9.60 11.24 -7.58
C GLN A 130 8.22 10.94 -8.14
N THR A 131 7.85 9.67 -8.23
CA THR A 131 6.63 9.28 -8.95
C THR A 131 6.10 7.99 -8.33
N ASP A 132 5.13 7.38 -9.00
CA ASP A 132 4.57 6.10 -8.61
C ASP A 132 4.35 5.25 -9.86
N LEU A 133 3.93 3.99 -9.64
CA LEU A 133 3.85 3.07 -10.76
C LEU A 133 2.63 3.31 -11.64
N GLN A 134 1.60 3.96 -11.12
CA GLN A 134 0.46 4.27 -11.97
C GLN A 134 0.79 5.33 -13.01
N LYS A 135 1.73 6.24 -12.69
CA LYS A 135 2.05 7.31 -13.63
C LYS A 135 3.02 6.88 -14.72
N ILE A 136 3.80 5.82 -14.50
CA ILE A 136 4.73 5.33 -15.51
C ILE A 136 4.30 3.97 -16.07
N MET A 137 3.09 3.53 -15.73
CA MET A 137 2.58 2.24 -16.18
C MET A 137 2.34 2.25 -17.68
N GLY A 138 2.19 1.04 -18.23
CA GLY A 138 1.84 0.88 -19.63
C GLY A 138 3.01 0.89 -20.59
N MET A 139 4.22 1.23 -20.13
CA MET A 139 5.40 1.29 -20.98
C MET A 139 6.00 -0.09 -21.25
N GLU A 140 5.24 -1.16 -21.05
CA GLU A 140 5.67 -2.55 -21.24
C GLU A 140 7.11 -2.76 -20.79
N PHE A 141 7.31 -2.83 -19.48
CA PHE A 141 8.65 -2.94 -18.92
C PHE A 141 9.33 -4.22 -19.38
N SER A 142 10.66 -4.20 -19.38
CA SER A 142 11.41 -5.41 -19.65
C SER A 142 11.30 -6.38 -18.47
N GLU A 143 11.68 -7.64 -18.73
CA GLU A 143 11.68 -8.64 -17.66
C GLU A 143 12.59 -8.24 -16.52
N GLU A 144 13.70 -7.55 -16.82
CA GLU A 144 14.61 -7.09 -15.77
C GLU A 144 13.92 -6.12 -14.83
N LYS A 145 13.25 -5.11 -15.39
CA LYS A 145 12.59 -4.09 -14.56
C LYS A 145 11.46 -4.70 -13.74
N ILE A 146 10.66 -5.57 -14.36
CA ILE A 146 9.61 -6.28 -13.63
C ILE A 146 10.21 -7.09 -12.49
N GLN A 147 11.33 -7.77 -12.75
CA GLN A 147 12.00 -8.52 -11.69
C GLN A 147 12.36 -7.62 -10.52
N TYR A 148 13.04 -6.50 -10.81
CA TYR A 148 13.50 -5.63 -9.74
C TYR A 148 12.34 -5.04 -8.95
N LEU A 149 11.38 -4.40 -9.65
CA LEU A 149 10.27 -3.76 -8.96
C LEU A 149 9.44 -4.75 -8.18
N VAL A 150 9.07 -5.87 -8.81
CA VAL A 150 8.20 -6.84 -8.12
C VAL A 150 8.92 -7.43 -6.92
N TYR A 151 10.23 -7.66 -7.05
CA TYR A 151 11.02 -8.16 -5.93
C TYR A 151 10.98 -7.20 -4.75
N GLN A 152 11.14 -5.90 -5.03
CA GLN A 152 11.01 -4.92 -3.95
C GLN A 152 9.61 -4.95 -3.34
N MET A 153 8.57 -5.00 -4.17
CA MET A 153 7.20 -5.12 -3.67
C MET A 153 7.08 -6.26 -2.68
N LEU A 154 7.58 -7.45 -3.07
CA LEU A 154 7.41 -8.63 -2.24
C LEU A 154 8.23 -8.54 -0.96
N LYS A 155 9.36 -7.82 -0.99
CA LYS A 155 10.09 -7.59 0.26
C LYS A 155 9.28 -6.72 1.22
N GLY A 156 8.73 -5.61 0.72
CA GLY A 156 7.91 -4.77 1.57
C GLY A 156 6.68 -5.49 2.10
N LEU A 157 6.07 -6.35 1.27
CA LEU A 157 4.94 -7.13 1.72
C LEU A 157 5.35 -8.15 2.77
N LYS A 158 6.49 -8.81 2.58
CA LYS A 158 6.95 -9.74 3.60
C LYS A 158 7.17 -9.02 4.92
N TYR A 159 7.71 -7.81 4.87
CA TYR A 159 7.93 -7.07 6.10
C TYR A 159 6.61 -6.70 6.79
N ILE A 160 5.70 -6.03 6.07
CA ILE A 160 4.49 -5.56 6.71
C ILE A 160 3.62 -6.73 7.16
N HIS A 161 3.59 -7.81 6.37
CA HIS A 161 2.87 -9.01 6.81
C HIS A 161 3.53 -9.61 8.05
N SER A 162 4.86 -9.65 8.10
CA SER A 162 5.55 -10.11 9.30
C SER A 162 5.22 -9.24 10.53
N ALA A 163 4.84 -7.98 10.32
CA ALA A 163 4.38 -7.13 11.41
C ALA A 163 2.88 -7.31 11.70
N GLY A 164 2.21 -8.22 11.02
CA GLY A 164 0.80 -8.41 11.24
C GLY A 164 -0.10 -7.40 10.56
N VAL A 165 0.43 -6.64 9.60
CA VAL A 165 -0.33 -5.61 8.90
C VAL A 165 -0.53 -6.05 7.46
N VAL A 166 -1.76 -5.99 6.99
CA VAL A 166 -2.11 -6.34 5.63
C VAL A 166 -2.59 -5.08 4.93
N HIS A 167 -2.17 -4.90 3.69
CA HIS A 167 -2.44 -3.66 2.96
C HIS A 167 -3.89 -3.57 2.52
N ARG A 168 -4.41 -4.64 1.89
CA ARG A 168 -5.80 -4.74 1.45
C ARG A 168 -6.16 -3.84 0.27
N ASP A 169 -5.27 -2.92 -0.11
CA ASP A 169 -5.57 -1.98 -1.19
C ASP A 169 -4.31 -1.67 -1.99
N LEU A 170 -3.55 -2.70 -2.34
CA LEU A 170 -2.34 -2.50 -3.11
C LEU A 170 -2.70 -2.28 -4.56
N LYS A 171 -2.04 -1.30 -5.18
CA LYS A 171 -2.32 -0.90 -6.55
C LYS A 171 -1.17 -0.05 -7.04
N PRO A 172 -1.00 0.08 -8.36
CA PRO A 172 0.12 0.90 -8.87
C PRO A 172 0.18 2.29 -8.30
N GLY A 173 -0.96 2.91 -7.99
CA GLY A 173 -0.97 4.22 -7.35
C GLY A 173 -0.43 4.23 -5.94
N ASN A 174 -0.23 3.06 -5.32
CA ASN A 174 0.30 2.93 -3.97
C ASN A 174 1.73 2.37 -3.97
N LEU A 175 2.40 2.37 -5.13
CA LEU A 175 3.77 1.89 -5.24
C LEU A 175 4.63 3.04 -5.76
N ALA A 176 5.30 3.74 -4.85
CA ALA A 176 6.14 4.86 -5.24
C ALA A 176 7.51 4.39 -5.72
N VAL A 177 8.03 5.04 -6.75
CA VAL A 177 9.38 4.79 -7.25
C VAL A 177 10.09 6.12 -7.50
N ASN A 178 11.42 6.09 -7.44
CA ASN A 178 12.22 7.26 -7.70
C ASN A 178 12.85 7.16 -9.09
N GLU A 179 13.97 7.85 -9.29
CA GLU A 179 14.65 7.79 -10.59
C GLU A 179 15.32 6.44 -10.81
N ASP A 180 15.83 5.81 -9.75
CA ASP A 180 16.58 4.57 -9.84
C ASP A 180 15.69 3.33 -9.75
N CYS A 181 14.38 3.50 -9.91
CA CYS A 181 13.43 2.41 -9.74
C CYS A 181 13.51 1.79 -8.35
N GLU A 182 13.88 2.59 -7.36
CA GLU A 182 13.75 2.17 -5.96
C GLU A 182 12.31 2.38 -5.52
N LEU A 183 11.74 1.35 -4.87
CA LEU A 183 10.31 1.28 -4.63
C LEU A 183 10.00 1.33 -3.13
N LYS A 184 8.89 1.98 -2.79
CA LYS A 184 8.33 1.93 -1.43
C LYS A 184 6.82 1.79 -1.53
N ILE A 185 6.24 1.06 -0.57
CA ILE A 185 4.80 0.80 -0.50
C ILE A 185 4.12 1.90 0.30
N LEU A 186 2.99 2.41 -0.22
CA LEU A 186 2.26 3.53 0.38
C LEU A 186 0.80 3.14 0.59
N ASP A 187 0.03 4.06 1.17
CA ASP A 187 -1.40 3.87 1.38
C ASP A 187 -2.07 5.22 1.69
N PHE A 188 -3.33 5.33 1.26
CA PHE A 188 -4.23 6.45 1.63
C PHE A 188 -5.68 6.14 1.21
N VAL A 203 -17.04 1.85 -8.32
CA VAL A 203 -15.73 1.87 -7.67
C VAL A 203 -14.78 0.88 -8.35
N THR A 204 -13.59 1.35 -8.73
CA THR A 204 -12.61 0.50 -9.40
C THR A 204 -11.97 -0.43 -8.37
N ARG A 205 -12.07 -1.73 -8.60
CA ARG A 205 -11.50 -2.76 -7.73
C ARG A 205 -10.75 -3.78 -8.55
N TRP A 206 -9.99 -3.31 -9.54
CA TRP A 206 -9.31 -4.18 -10.49
C TRP A 206 -8.22 -5.02 -9.84
N TYR A 207 -7.66 -4.56 -8.71
CA TYR A 207 -6.51 -5.21 -8.10
C TYR A 207 -6.88 -5.95 -6.81
N ARG A 208 -8.16 -6.00 -6.46
CA ARG A 208 -8.59 -6.65 -5.24
C ARG A 208 -8.79 -8.14 -5.47
N ALA A 209 -8.46 -8.92 -4.44
CA ALA A 209 -8.58 -10.37 -4.51
C ALA A 209 -10.05 -10.78 -4.63
N PRO A 210 -10.33 -11.84 -5.39
CA PRO A 210 -11.72 -12.29 -5.56
C PRO A 210 -12.42 -12.61 -4.25
N GLU A 211 -11.73 -13.21 -3.29
CA GLU A 211 -12.35 -13.50 -2.00
C GLU A 211 -12.68 -12.24 -1.21
N VAL A 212 -12.22 -11.07 -1.65
CA VAL A 212 -12.56 -9.81 -1.00
C VAL A 212 -13.74 -9.14 -1.70
N ILE A 213 -13.73 -9.14 -3.04
CA ILE A 213 -14.83 -8.56 -3.80
C ILE A 213 -16.11 -9.37 -3.61
N LEU A 214 -16.00 -10.67 -3.41
CA LEU A 214 -17.16 -11.54 -3.25
C LEU A 214 -17.36 -12.04 -1.83
N SER A 215 -16.37 -11.86 -0.95
CA SER A 215 -16.39 -12.39 0.42
C SER A 215 -16.92 -13.81 0.47
N TRP A 216 -16.50 -14.64 -0.49
CA TRP A 216 -16.97 -16.02 -0.56
C TRP A 216 -16.12 -16.98 0.27
N MET A 217 -15.02 -16.52 0.84
CA MET A 217 -14.30 -17.23 1.88
C MET A 217 -13.47 -16.23 2.66
N HIS A 218 -13.07 -16.62 3.86
CA HIS A 218 -12.32 -15.69 4.71
C HIS A 218 -10.89 -15.55 4.20
N TYR A 219 -10.40 -14.32 4.21
CA TYR A 219 -9.15 -13.97 3.56
C TYR A 219 -7.99 -13.91 4.54
N ASN A 220 -6.79 -14.15 4.03
CA ASN A 220 -5.56 -14.01 4.81
C ASN A 220 -4.66 -12.97 4.16
N GLN A 221 -3.37 -12.97 4.51
CA GLN A 221 -2.44 -11.96 4.02
C GLN A 221 -2.26 -12.03 2.51
N THR A 222 -2.41 -13.21 1.92
CA THR A 222 -2.12 -13.41 0.50
C THR A 222 -3.05 -12.62 -0.40
N VAL A 223 -4.03 -11.90 0.17
CA VAL A 223 -4.81 -10.96 -0.62
C VAL A 223 -3.88 -9.97 -1.31
N ASP A 224 -2.92 -9.43 -0.56
CA ASP A 224 -1.97 -8.52 -1.16
C ASP A 224 -1.26 -9.19 -2.33
N ILE A 225 -0.97 -10.49 -2.19
CA ILE A 225 -0.23 -11.21 -3.22
C ILE A 225 -1.00 -11.18 -4.52
N TRP A 226 -2.32 -11.38 -4.45
CA TRP A 226 -3.13 -11.32 -5.66
C TRP A 226 -2.91 -9.99 -6.36
N SER A 227 -2.94 -8.89 -5.60
CA SER A 227 -2.72 -7.58 -6.18
C SER A 227 -1.40 -7.53 -6.94
N VAL A 228 -0.33 -8.04 -6.33
CA VAL A 228 0.97 -8.05 -6.98
C VAL A 228 0.87 -8.73 -8.35
N GLY A 229 0.21 -9.90 -8.39
CA GLY A 229 -0.02 -10.55 -9.66
C GLY A 229 -0.69 -9.64 -10.67
N CYS A 230 -1.82 -9.05 -10.27
CA CYS A 230 -2.53 -8.15 -11.17
C CYS A 230 -1.62 -7.04 -11.66
N ILE A 231 -0.72 -6.57 -10.79
CA ILE A 231 0.19 -5.51 -11.20
C ILE A 231 1.23 -6.06 -12.17
N MET A 232 1.81 -7.21 -11.84
CA MET A 232 2.88 -7.75 -12.65
C MET A 232 2.39 -8.03 -14.07
N ALA A 233 1.24 -8.68 -14.18
CA ALA A 233 0.65 -8.93 -15.50
C ALA A 233 0.51 -7.65 -16.29
N GLU A 234 0.07 -6.57 -15.63
CA GLU A 234 -0.06 -5.31 -16.33
C GLU A 234 1.29 -4.84 -16.86
N MET A 235 2.33 -4.97 -16.03
CA MET A 235 3.68 -4.62 -16.47
C MET A 235 4.10 -5.44 -17.68
N LEU A 236 3.66 -6.70 -17.75
CA LEU A 236 4.03 -7.53 -18.89
C LEU A 236 3.26 -7.11 -20.13
N THR A 237 2.05 -6.58 -19.98
CA THR A 237 1.17 -6.36 -21.12
C THR A 237 0.87 -4.90 -21.39
N GLY A 238 1.11 -4.01 -20.43
CA GLY A 238 0.66 -2.63 -20.57
C GLY A 238 -0.84 -2.47 -20.53
N LYS A 239 -1.58 -3.51 -20.14
CA LYS A 239 -3.03 -3.52 -20.17
C LYS A 239 -3.54 -4.09 -18.86
N THR A 240 -4.50 -3.40 -18.26
CA THR A 240 -5.07 -3.86 -17.00
C THR A 240 -5.69 -5.24 -17.18
N LEU A 241 -5.52 -6.09 -16.17
CA LEU A 241 -5.88 -7.50 -16.31
C LEU A 241 -7.38 -7.73 -16.19
N PHE A 242 -7.97 -7.33 -15.07
CA PHE A 242 -9.40 -7.53 -14.82
C PHE A 242 -10.03 -6.17 -14.52
N LYS A 243 -11.06 -5.81 -15.31
CA LYS A 243 -11.79 -4.57 -15.08
C LYS A 243 -13.18 -4.92 -14.61
N GLY A 244 -14.20 -4.91 -15.47
CA GLY A 244 -15.55 -5.25 -15.06
C GLY A 244 -16.34 -4.10 -14.49
N LYS A 245 -17.57 -3.91 -14.97
CA LYS A 245 -18.43 -2.83 -14.50
C LYS A 245 -19.24 -3.21 -13.26
N ASP A 246 -19.09 -4.43 -12.77
CA ASP A 246 -19.69 -4.85 -11.51
C ASP A 246 -18.95 -6.10 -11.05
N TYR A 247 -19.29 -6.58 -9.84
CA TYR A 247 -18.52 -7.68 -9.26
C TYR A 247 -18.67 -8.96 -10.07
N LEU A 248 -19.86 -9.21 -10.64
CA LEU A 248 -20.08 -10.43 -11.39
C LEU A 248 -19.30 -10.41 -12.71
N ASP A 249 -19.33 -9.28 -13.42
CA ASP A 249 -18.59 -9.16 -14.67
C ASP A 249 -17.08 -9.32 -14.44
N GLN A 250 -16.57 -8.68 -13.38
CA GLN A 250 -15.16 -8.85 -13.05
C GLN A 250 -14.84 -10.29 -12.69
N LEU A 251 -15.78 -10.98 -12.02
CA LEU A 251 -15.58 -12.39 -11.72
C LEU A 251 -15.48 -13.22 -13.00
N THR A 252 -16.34 -12.92 -13.98
CA THR A 252 -16.26 -13.62 -15.27
C THR A 252 -14.92 -13.38 -15.95
N GLN A 253 -14.47 -12.12 -15.96
CA GLN A 253 -13.16 -11.81 -16.54
C GLN A 253 -12.05 -12.56 -15.81
N ILE A 254 -12.17 -12.69 -14.48
CA ILE A 254 -11.13 -13.37 -13.70
C ILE A 254 -11.11 -14.86 -14.03
N LEU A 255 -12.28 -15.50 -14.01
CA LEU A 255 -12.36 -16.91 -14.33
C LEU A 255 -11.95 -17.22 -15.76
N LYS A 256 -12.01 -16.23 -16.66
CA LYS A 256 -11.40 -16.40 -17.98
C LYS A 256 -9.92 -16.74 -17.88
N VAL A 257 -9.26 -16.25 -16.84
CA VAL A 257 -7.83 -16.47 -16.64
C VAL A 257 -7.56 -17.63 -15.70
N THR A 258 -8.15 -17.59 -14.50
CA THR A 258 -7.90 -18.62 -13.50
C THR A 258 -8.54 -19.95 -13.86
N GLY A 259 -9.42 -20.00 -14.85
CA GLY A 259 -10.21 -21.19 -15.10
C GLY A 259 -11.23 -21.41 -14.00
N VAL A 260 -12.35 -22.05 -14.33
CA VAL A 260 -13.32 -22.34 -13.27
C VAL A 260 -12.71 -23.32 -12.29
N PRO A 261 -12.71 -23.05 -10.99
CA PRO A 261 -12.03 -23.94 -10.05
C PRO A 261 -12.79 -25.25 -9.86
N GLY A 262 -12.03 -26.29 -9.49
CA GLY A 262 -12.59 -27.59 -9.24
C GLY A 262 -13.08 -27.77 -7.80
N THR A 263 -13.89 -28.83 -7.62
CA THR A 263 -14.53 -29.15 -6.34
C THR A 263 -13.64 -28.88 -5.13
N GLU A 264 -12.37 -29.29 -5.21
CA GLU A 264 -11.36 -29.06 -4.19
C GLU A 264 -11.39 -27.64 -3.65
N PHE A 265 -11.68 -26.68 -4.53
CA PHE A 265 -11.81 -25.28 -4.14
C PHE A 265 -13.26 -24.92 -3.80
N VAL A 266 -14.22 -25.41 -4.59
CA VAL A 266 -15.61 -25.01 -4.42
C VAL A 266 -16.12 -25.37 -3.03
N GLN A 267 -15.58 -26.44 -2.43
CA GLN A 267 -16.02 -26.82 -1.10
C GLN A 267 -15.62 -25.79 -0.04
N LYS A 268 -14.44 -25.18 -0.21
CA LYS A 268 -13.94 -24.23 0.78
C LYS A 268 -14.77 -22.95 0.86
N LEU A 269 -15.66 -22.70 -0.10
CA LEU A 269 -16.47 -21.49 -0.07
C LEU A 269 -17.51 -21.55 1.05
N ASN A 270 -17.72 -20.41 1.72
CA ASN A 270 -18.76 -20.32 2.73
C ASN A 270 -20.06 -19.73 2.20
N ASP A 271 -20.02 -19.06 1.05
CA ASP A 271 -21.21 -18.58 0.38
C ASP A 271 -21.80 -19.72 -0.44
N LYS A 272 -23.04 -20.12 -0.13
CA LYS A 272 -23.64 -21.22 -0.86
C LYS A 272 -24.16 -20.81 -2.22
N ALA A 273 -24.68 -19.58 -2.35
CA ALA A 273 -25.13 -19.10 -3.65
C ALA A 273 -23.98 -18.98 -4.64
N ALA A 274 -22.78 -18.63 -4.16
CA ALA A 274 -21.62 -18.57 -5.04
C ALA A 274 -21.13 -19.98 -5.37
N LYS A 275 -21.21 -20.89 -4.40
CA LYS A 275 -20.92 -22.30 -4.66
C LYS A 275 -21.81 -22.82 -5.78
N SER A 276 -23.11 -22.51 -5.72
CA SER A 276 -24.04 -22.93 -6.75
C SER A 276 -23.74 -22.26 -8.09
N TYR A 277 -23.44 -20.96 -8.08
CA TYR A 277 -23.12 -20.28 -9.33
C TYR A 277 -21.89 -20.87 -10.00
N ILE A 278 -20.83 -21.12 -9.22
CA ILE A 278 -19.61 -21.69 -9.80
C ILE A 278 -19.89 -23.09 -10.34
N GLN A 279 -20.57 -23.92 -9.54
CA GLN A 279 -20.90 -25.27 -9.99
C GLN A 279 -21.83 -25.26 -11.20
N SER A 280 -22.54 -24.15 -11.45
CA SER A 280 -23.43 -24.05 -12.59
C SER A 280 -22.73 -23.52 -13.84
N LEU A 281 -21.55 -22.94 -13.70
CA LEU A 281 -20.83 -22.40 -14.85
C LEU A 281 -20.35 -23.53 -15.76
N PRO A 282 -20.18 -23.26 -17.05
CA PRO A 282 -19.43 -24.20 -17.90
C PRO A 282 -18.04 -24.42 -17.35
N GLN A 283 -17.78 -25.61 -16.81
CA GLN A 283 -16.50 -25.91 -16.18
C GLN A 283 -15.37 -25.75 -17.17
N THR A 284 -14.91 -24.51 -17.37
CA THR A 284 -13.86 -24.21 -18.33
C THR A 284 -12.50 -24.34 -17.66
N PRO A 285 -11.63 -25.23 -18.14
CA PRO A 285 -10.33 -25.44 -17.48
C PRO A 285 -9.34 -24.31 -17.72
N ARG A 286 -8.28 -24.36 -16.91
CA ARG A 286 -7.09 -23.51 -16.97
C ARG A 286 -6.15 -24.07 -18.07
N LYS A 287 -5.16 -23.31 -18.56
CA LYS A 287 -4.86 -21.96 -18.13
C LYS A 287 -4.78 -21.01 -19.38
N ASP A 288 -3.79 -21.06 -20.29
CA ASP A 288 -2.46 -21.66 -20.18
C ASP A 288 -1.47 -20.50 -20.13
N PHE A 289 -0.98 -20.15 -18.94
CA PHE A 289 -0.40 -18.83 -18.73
C PHE A 289 0.69 -18.48 -19.75
N THR A 290 1.41 -19.47 -20.28
CA THR A 290 2.34 -19.18 -21.36
C THR A 290 1.61 -18.86 -22.65
N GLN A 291 0.32 -19.18 -22.74
CA GLN A 291 -0.54 -18.77 -23.85
C GLN A 291 -1.27 -17.46 -23.56
N LEU A 292 -1.50 -17.14 -22.29
CA LEU A 292 -2.13 -15.88 -21.92
C LEU A 292 -1.18 -14.70 -22.07
N PHE A 293 0.11 -14.90 -21.81
CA PHE A 293 1.12 -13.85 -21.93
C PHE A 293 2.24 -14.41 -22.79
N PRO A 294 2.09 -14.35 -24.12
CA PRO A 294 3.11 -14.96 -24.99
C PRO A 294 4.49 -14.33 -24.86
N ARG A 295 4.55 -13.06 -24.50
CA ARG A 295 5.84 -12.44 -24.22
C ARG A 295 6.40 -12.80 -22.84
N ALA A 296 5.72 -13.63 -22.06
CA ALA A 296 6.15 -13.96 -20.72
C ALA A 296 7.12 -15.14 -20.73
N SER A 297 8.22 -14.98 -20.00
CA SER A 297 9.16 -16.07 -19.83
C SER A 297 8.49 -17.17 -19.02
N PRO A 298 8.99 -18.41 -19.14
CA PRO A 298 8.37 -19.50 -18.37
C PRO A 298 8.39 -19.26 -16.86
N GLN A 299 9.45 -18.66 -16.33
CA GLN A 299 9.48 -18.40 -14.89
C GLN A 299 8.49 -17.32 -14.51
N ALA A 300 8.36 -16.28 -15.34
CA ALA A 300 7.38 -15.23 -15.09
C ALA A 300 5.96 -15.79 -15.15
N ALA A 301 5.68 -16.61 -16.17
CA ALA A 301 4.37 -17.22 -16.29
C ALA A 301 4.09 -18.14 -15.11
N ASP A 302 5.12 -18.82 -14.61
CA ASP A 302 4.92 -19.73 -13.48
C ASP A 302 4.62 -18.97 -12.20
N LEU A 303 5.43 -17.96 -11.87
CA LEU A 303 5.16 -17.13 -10.71
C LEU A 303 3.77 -16.53 -10.81
N LEU A 304 3.40 -16.06 -12.01
CA LEU A 304 2.06 -15.51 -12.19
C LEU A 304 0.98 -16.56 -11.97
N GLU A 305 1.25 -17.81 -12.35
CA GLU A 305 0.33 -18.90 -12.04
C GLU A 305 0.12 -19.04 -10.53
N LYS A 306 1.21 -18.95 -9.76
CA LYS A 306 1.11 -19.18 -8.33
C LYS A 306 0.63 -17.97 -7.54
N MET A 307 0.68 -16.77 -8.12
CA MET A 307 0.13 -15.60 -7.42
C MET A 307 -1.33 -15.37 -7.76
N LEU A 308 -1.75 -15.70 -8.97
CA LEU A 308 -3.15 -15.56 -9.35
C LEU A 308 -3.92 -16.85 -9.09
N GLU A 309 -3.83 -17.33 -7.86
CA GLU A 309 -4.46 -18.57 -7.46
C GLU A 309 -5.72 -18.27 -6.67
N LEU A 310 -6.84 -18.86 -7.09
CA LEU A 310 -8.12 -18.63 -6.42
C LEU A 310 -8.09 -19.17 -4.99
N ASP A 311 -7.45 -20.31 -4.77
CA ASP A 311 -7.39 -20.90 -3.44
C ASP A 311 -6.48 -20.04 -2.58
N VAL A 312 -7.04 -19.39 -1.56
CA VAL A 312 -6.28 -18.54 -0.67
C VAL A 312 -5.29 -19.32 0.19
N ASP A 313 -5.40 -20.65 0.20
CA ASP A 313 -4.44 -21.48 0.93
C ASP A 313 -3.31 -21.98 0.04
N LYS A 314 -3.50 -21.97 -1.27
CA LYS A 314 -2.44 -22.35 -2.20
C LYS A 314 -1.69 -21.17 -2.77
N ARG A 315 -2.26 -19.96 -2.69
CA ARG A 315 -1.60 -18.77 -3.20
C ARG A 315 -0.34 -18.47 -2.39
N LEU A 316 0.71 -18.05 -3.10
CA LEU A 316 2.00 -17.82 -2.45
C LEU A 316 1.89 -16.75 -1.38
N THR A 317 2.66 -16.93 -0.32
CA THR A 317 2.91 -15.82 0.59
C THR A 317 4.04 -14.96 0.01
N ALA A 318 4.25 -13.80 0.63
CA ALA A 318 5.38 -12.96 0.21
C ALA A 318 6.72 -13.68 0.41
N ALA A 319 6.90 -14.32 1.57
CA ALA A 319 8.13 -15.05 1.83
C ALA A 319 8.35 -16.16 0.81
N GLN A 320 7.29 -16.90 0.47
CA GLN A 320 7.43 -17.95 -0.53
C GLN A 320 7.69 -17.37 -1.91
N ALA A 321 7.03 -16.26 -2.25
CA ALA A 321 7.19 -15.69 -3.58
C ALA A 321 8.58 -15.08 -3.76
N LEU A 322 9.22 -14.66 -2.67
CA LEU A 322 10.58 -14.15 -2.78
C LEU A 322 11.55 -15.22 -3.27
N THR A 323 11.26 -16.50 -2.96
CA THR A 323 12.16 -17.59 -3.31
C THR A 323 11.99 -18.08 -4.75
N HIS A 324 11.04 -17.53 -5.49
CA HIS A 324 10.80 -18.00 -6.84
C HIS A 324 12.01 -17.71 -7.73
N PRO A 325 12.33 -18.58 -8.68
CA PRO A 325 13.51 -18.34 -9.55
C PRO A 325 13.41 -17.09 -10.40
N PHE A 326 12.25 -16.46 -10.49
CA PHE A 326 12.11 -15.23 -11.26
C PHE A 326 12.94 -14.08 -10.68
N PHE A 327 13.35 -14.17 -9.41
CA PHE A 327 14.10 -13.12 -8.76
C PHE A 327 15.56 -13.51 -8.52
N GLU A 328 16.04 -14.53 -9.21
CA GLU A 328 17.41 -14.99 -9.01
C GLU A 328 18.46 -13.91 -9.27
N PRO A 329 18.39 -13.09 -10.32
CA PRO A 329 19.43 -12.06 -10.52
C PRO A 329 19.45 -10.98 -9.45
N PHE A 330 18.42 -10.88 -8.60
CA PHE A 330 18.34 -9.80 -7.63
C PHE A 330 18.22 -10.27 -6.19
N ARG A 331 18.01 -11.57 -5.95
CA ARG A 331 17.63 -11.99 -4.61
C ARG A 331 18.79 -11.87 -3.64
N ASP A 332 18.55 -11.18 -2.53
CA ASP A 332 19.49 -11.09 -1.41
C ASP A 332 18.71 -11.41 -0.13
N PRO A 333 18.76 -12.64 0.36
CA PRO A 333 17.96 -13.00 1.55
C PRO A 333 18.22 -12.14 2.77
N GLU A 334 19.42 -11.56 2.90
CA GLU A 334 19.70 -10.65 4.01
C GLU A 334 18.79 -9.42 3.96
N GLU A 335 18.37 -9.00 2.78
CA GLU A 335 17.46 -7.87 2.65
C GLU A 335 16.01 -8.25 2.91
N GLU A 336 15.68 -9.54 2.95
CA GLU A 336 14.31 -9.99 3.15
C GLU A 336 14.00 -10.06 4.65
N THR A 337 14.01 -8.89 5.27
CA THR A 337 13.86 -8.81 6.72
C THR A 337 12.40 -8.87 7.17
N GLU A 338 12.22 -9.33 8.40
CA GLU A 338 10.94 -9.27 9.10
C GLU A 338 10.95 -8.15 10.13
N ALA A 339 9.78 -7.85 10.67
CA ALA A 339 9.65 -6.88 11.74
C ALA A 339 9.97 -7.52 13.08
N GLN A 340 10.73 -6.80 13.92
CA GLN A 340 11.04 -7.29 15.26
C GLN A 340 9.76 -7.55 16.06
N GLN A 341 8.92 -6.52 16.18
CA GLN A 341 7.67 -6.58 16.92
C GLN A 341 6.47 -6.49 15.98
N PRO A 342 5.38 -7.18 16.30
CA PRO A 342 4.13 -6.95 15.56
C PRO A 342 3.57 -5.58 15.87
N PHE A 343 2.92 -4.99 14.87
CA PHE A 343 2.31 -3.68 15.07
C PHE A 343 1.21 -3.77 16.11
N ASP A 344 1.34 -3.01 17.20
CA ASP A 344 0.48 -3.15 18.37
C ASP A 344 -0.34 -1.88 18.54
N ASP A 345 -1.46 -1.82 17.82
CA ASP A 345 -2.44 -0.76 18.03
C ASP A 345 -3.46 -1.30 19.02
N SER A 346 -3.16 -1.13 20.31
CA SER A 346 -4.11 -1.55 21.35
C SER A 346 -5.41 -0.75 21.27
N LEU A 347 -5.34 0.51 20.82
CA LEU A 347 -6.51 1.34 20.64
C LEU A 347 -7.17 1.16 19.26
N GLU A 348 -6.83 0.07 18.57
CA GLU A 348 -7.40 -0.18 17.24
C GLU A 348 -8.91 -0.35 17.30
N HIS A 349 -9.42 -0.83 18.44
CA HIS A 349 -10.82 -1.10 18.62
C HIS A 349 -11.50 -0.11 19.56
N GLU A 350 -10.74 0.68 20.30
CA GLU A 350 -11.29 1.51 21.37
C GLU A 350 -12.24 2.57 20.82
N LYS A 351 -13.14 3.03 21.68
CA LYS A 351 -14.13 4.04 21.34
C LYS A 351 -13.92 5.23 22.28
N LEU A 352 -13.11 6.17 21.83
CA LEU A 352 -12.84 7.39 22.59
C LEU A 352 -13.45 8.59 21.88
N THR A 353 -13.63 9.67 22.62
CA THR A 353 -14.07 10.92 22.02
C THR A 353 -12.97 11.49 21.12
N VAL A 354 -13.36 12.43 20.27
CA VAL A 354 -12.38 13.10 19.41
C VAL A 354 -11.28 13.73 20.25
N ASP A 355 -11.65 14.28 21.40
CA ASP A 355 -10.67 14.95 22.26
C ASP A 355 -9.67 13.96 22.84
N GLU A 356 -10.13 12.80 23.30
CA GLU A 356 -9.21 11.79 23.84
C GLU A 356 -8.23 11.32 22.77
N TRP A 357 -8.73 11.02 21.56
CA TRP A 357 -7.86 10.75 20.44
C TRP A 357 -6.84 11.87 20.24
N LYS A 358 -7.29 13.13 20.41
CA LYS A 358 -6.38 14.27 20.28
C LYS A 358 -5.24 14.18 21.28
N GLN A 359 -5.55 13.89 22.55
CA GLN A 359 -4.48 13.76 23.54
C GLN A 359 -3.55 12.61 23.20
N HIS A 360 -4.10 11.52 22.67
CA HIS A 360 -3.25 10.40 22.26
C HIS A 360 -2.28 10.81 21.16
N ILE A 361 -2.79 11.43 20.09
CA ILE A 361 -1.93 11.82 18.97
C ILE A 361 -0.89 12.83 19.43
N TYR A 362 -1.33 13.85 20.18
CA TYR A 362 -0.43 14.88 20.68
C TYR A 362 0.71 14.27 21.47
N LYS A 363 0.37 13.45 22.47
CA LYS A 363 1.39 12.78 23.27
C LYS A 363 2.28 11.90 22.41
N GLU A 364 1.74 11.31 21.35
CA GLU A 364 2.60 10.56 20.42
C GLU A 364 3.57 11.48 19.69
N ILE A 365 3.16 12.72 19.42
CA ILE A 365 4.03 13.62 18.67
C ILE A 365 5.21 14.07 19.52
N VAL A 366 4.96 14.42 20.79
CA VAL A 366 6.04 14.99 21.59
C VAL A 366 7.17 13.98 21.80
N ASN A 367 6.83 12.76 22.19
CA ASN A 367 7.86 11.78 22.53
C ASN A 367 8.41 11.06 21.30
N PHE A 368 7.97 11.40 20.09
CA PHE A 368 8.66 10.91 18.91
C PHE A 368 10.08 11.48 18.87
N SER A 369 11.01 10.68 18.35
CA SER A 369 12.39 11.13 18.32
C SER A 369 13.13 10.53 17.12
N PRO A 370 13.81 11.37 16.31
CA PRO A 370 14.68 10.91 15.22
C PRO A 370 15.94 10.22 15.74
#